data_3AKY
#
_entry.id   3AKY
#
_cell.length_a   36.000
_cell.length_b   40.400
_cell.length_c   45.300
_cell.angle_alpha   111.70
_cell.angle_beta   109.00
_cell.angle_gamma   63.30
#
_symmetry.space_group_name_H-M   'P 1'
#
loop_
_entity.id
_entity.type
_entity.pdbx_description
1 polymer 'ADENYLATE KINASE'
2 non-polymer "BIS(ADENOSINE)-5'-PENTAPHOSPHATE"
3 non-polymer IMIDAZOLE
4 water water
#
_entity_poly.entity_id   1
_entity_poly.type   'polypeptide(L)'
_entity_poly.pdbx_seq_one_letter_code
;SSESIRMVLIGPPGAGKGTQAPNLQERFHAAHLATGDMLRSQIAKGTQLGLEAKKIMDQGGLVSDDIMVNMIKDELTNNP
ACKNGFILDGFPRTIPQAEKLDQMLKEQGTPLEKAIELKVDDELLVARITGRLIHPASGRSYHKIFNPPKEDMKDDVTGE
ALVQRSDDNADALKKRLAAYHAQTEPIVDFYKKTGIWAGVDASQPPATVWADFLNKLGKN
;
_entity_poly.pdbx_strand_id   A
#
# COMPACT_ATOMS: atom_id res chain seq x y z
N GLU A 3 -1.04 -20.06 9.10
CA GLU A 3 -1.04 -19.25 7.89
C GLU A 3 -2.00 -18.10 8.14
N SER A 4 -1.65 -17.27 9.11
CA SER A 4 -2.46 -16.12 9.47
C SER A 4 -1.55 -14.97 9.87
N ILE A 5 -1.87 -13.77 9.42
CA ILE A 5 -1.05 -12.60 9.70
C ILE A 5 -1.89 -11.34 9.85
N ARG A 6 -1.47 -10.48 10.77
CA ARG A 6 -1.97 -9.12 10.82
C ARG A 6 -0.74 -8.26 10.77
N MET A 7 -0.62 -7.51 9.69
CA MET A 7 0.62 -6.80 9.42
C MET A 7 0.37 -5.46 8.72
N VAL A 8 1.36 -4.57 8.79
CA VAL A 8 1.34 -3.32 8.03
C VAL A 8 2.47 -3.27 6.98
N LEU A 9 2.18 -2.72 5.81
CA LEU A 9 3.21 -2.45 4.78
C LEU A 9 3.52 -0.95 4.75
N ILE A 10 4.78 -0.60 4.92
CA ILE A 10 5.21 0.80 4.84
C ILE A 10 6.24 0.90 3.70
N GLY A 11 6.09 1.87 2.82
CA GLY A 11 7.09 2.05 1.80
C GLY A 11 6.78 3.27 0.98
N PRO A 12 7.77 3.94 0.39
CA PRO A 12 7.53 5.10 -0.47
C PRO A 12 6.73 4.75 -1.72
N PRO A 13 6.12 5.76 -2.35
CA PRO A 13 5.52 5.56 -3.66
C PRO A 13 6.46 4.82 -4.61
N GLY A 14 5.98 3.72 -5.17
CA GLY A 14 6.80 2.96 -6.11
C GLY A 14 7.60 1.80 -5.53
N ALA A 15 7.69 1.67 -4.20
CA ALA A 15 8.57 0.68 -3.59
C ALA A 15 8.20 -0.75 -3.96
N GLY A 16 6.91 -0.99 -4.14
CA GLY A 16 6.47 -2.31 -4.54
C GLY A 16 5.44 -2.93 -3.61
N LYS A 17 4.68 -2.12 -2.87
CA LYS A 17 3.66 -2.67 -1.96
C LYS A 17 2.56 -3.45 -2.70
N GLY A 18 2.01 -2.83 -3.74
CA GLY A 18 0.94 -3.45 -4.51
C GLY A 18 1.39 -4.65 -5.29
N THR A 19 2.66 -4.68 -5.67
CA THR A 19 3.24 -5.83 -6.34
C THR A 19 3.39 -7.06 -5.42
N GLN A 20 3.71 -6.84 -4.14
CA GLN A 20 3.94 -7.95 -3.21
C GLN A 20 2.70 -8.45 -2.46
N ALA A 21 1.81 -7.52 -2.11
CA ALA A 21 0.56 -7.84 -1.41
C ALA A 21 -0.16 -9.12 -1.89
N PRO A 22 -0.34 -9.28 -3.22
CA PRO A 22 -0.96 -10.51 -3.73
C PRO A 22 -0.21 -11.78 -3.28
N ASN A 23 1.10 -11.65 -3.13
CA ASN A 23 1.89 -12.77 -2.69
C ASN A 23 1.49 -13.06 -1.26
N LEU A 24 1.41 -12.01 -0.45
CA LEU A 24 1.05 -12.18 0.94
C LEU A 24 -0.38 -12.70 1.09
N GLN A 25 -1.27 -12.23 0.25
CA GLN A 25 -2.66 -12.64 0.30
C GLN A 25 -2.79 -14.15 0.08
N GLU A 26 -2.10 -14.63 -0.94
CA GLU A 26 -2.20 -16.02 -1.30
C GLU A 26 -1.59 -16.86 -0.19
N ARG A 27 -0.46 -16.40 0.34
CA ARG A 27 0.25 -17.15 1.37
C ARG A 27 -0.56 -17.23 2.66
N PHE A 28 -1.08 -16.10 3.12
CA PHE A 28 -1.69 -16.04 4.44
C PHE A 28 -3.21 -15.93 4.45
N HIS A 29 -3.79 -15.76 3.27
CA HIS A 29 -5.24 -15.59 3.15
C HIS A 29 -5.76 -14.49 4.08
N ALA A 30 -5.11 -13.34 4.03
CA ALA A 30 -5.53 -12.20 4.83
C ALA A 30 -6.23 -11.19 3.91
N ALA A 31 -7.11 -10.38 4.49
CA ALA A 31 -7.70 -9.24 3.77
C ALA A 31 -6.62 -8.22 3.44
N HIS A 32 -6.57 -7.82 2.18
CA HIS A 32 -5.69 -6.76 1.74
C HIS A 32 -6.45 -5.44 1.81
N LEU A 33 -6.09 -4.58 2.77
CA LEU A 33 -6.80 -3.31 2.92
C LEU A 33 -5.88 -2.21 2.49
N ALA A 34 -6.04 -1.79 1.23
CA ALA A 34 -5.19 -0.75 0.66
C ALA A 34 -5.99 0.54 0.54
N THR A 35 -5.66 1.52 1.37
CA THR A 35 -6.45 2.72 1.48
C THR A 35 -6.46 3.53 0.16
N GLY A 36 -5.42 3.35 -0.65
CA GLY A 36 -5.36 4.02 -1.92
C GLY A 36 -6.40 3.42 -2.85
N ASP A 37 -6.54 2.10 -2.79
CA ASP A 37 -7.53 1.42 -3.61
C ASP A 37 -8.95 1.78 -3.16
N MET A 38 -9.14 1.98 -1.87
CA MET A 38 -10.46 2.30 -1.34
C MET A 38 -10.86 3.68 -1.82
N LEU A 39 -9.94 4.63 -1.71
CA LEU A 39 -10.14 5.97 -2.21
C LEU A 39 -10.45 5.97 -3.69
N ARG A 40 -9.68 5.23 -4.48
CA ARG A 40 -9.95 5.17 -5.91
C ARG A 40 -11.29 4.55 -6.22
N SER A 41 -11.78 3.69 -5.32
CA SER A 41 -13.10 3.11 -5.46
C SER A 41 -14.17 4.17 -5.24
N GLN A 42 -14.02 4.95 -4.17
CA GLN A 42 -14.85 6.12 -3.98
C GLN A 42 -14.87 6.99 -5.23
N ILE A 43 -13.71 7.29 -5.77
CA ILE A 43 -13.64 8.14 -6.96
C ILE A 43 -14.52 7.58 -8.10
N ALA A 44 -14.47 6.27 -8.32
CA ALA A 44 -15.16 5.66 -9.48
C ALA A 44 -16.68 5.58 -9.33
N LYS A 45 -17.15 5.62 -8.08
CA LYS A 45 -18.57 5.65 -7.77
C LYS A 45 -19.06 7.09 -7.92
N GLY A 46 -18.13 7.99 -8.16
CA GLY A 46 -18.48 9.39 -8.27
C GLY A 46 -19.01 10.00 -6.99
N THR A 47 -18.69 9.41 -5.84
CA THR A 47 -19.14 9.97 -4.57
C THR A 47 -18.43 11.27 -4.19
N GLN A 48 -18.96 11.95 -3.18
CA GLN A 48 -18.44 13.24 -2.76
C GLN A 48 -17.08 13.09 -2.10
N LEU A 49 -16.94 12.05 -1.29
CA LEU A 49 -15.68 11.83 -0.65
C LEU A 49 -14.67 11.55 -1.76
N GLY A 50 -15.14 10.86 -2.80
CA GLY A 50 -14.27 10.48 -3.90
C GLY A 50 -13.79 11.67 -4.70
N LEU A 51 -14.69 12.60 -4.98
CA LEU A 51 -14.32 13.77 -5.76
C LEU A 51 -13.39 14.71 -4.97
N GLU A 52 -13.57 14.79 -3.67
CA GLU A 52 -12.64 15.57 -2.85
C GLU A 52 -11.28 14.91 -2.69
N ALA A 53 -11.26 13.60 -2.46
CA ALA A 53 -10.01 12.86 -2.34
C ALA A 53 -9.21 12.94 -3.65
N LYS A 54 -9.91 12.84 -4.77
CA LYS A 54 -9.27 12.86 -6.08
C LYS A 54 -8.38 14.08 -6.32
N LYS A 55 -8.87 15.25 -5.92
CA LYS A 55 -8.09 16.49 -6.07
C LYS A 55 -6.81 16.46 -5.24
N ILE A 56 -6.91 15.97 -4.01
CA ILE A 56 -5.78 15.91 -3.08
C ILE A 56 -4.78 14.85 -3.56
N MET A 57 -5.27 13.66 -3.86
CA MET A 57 -4.42 12.62 -4.39
C MET A 57 -3.63 13.09 -5.61
N ASP A 58 -4.31 13.72 -6.56
CA ASP A 58 -3.65 14.23 -7.76
C ASP A 58 -2.62 15.34 -7.52
N GLN A 59 -2.66 15.97 -6.36
CA GLN A 59 -1.63 16.96 -5.99
C GLN A 59 -0.52 16.37 -5.12
N GLY A 60 -0.55 15.06 -4.88
CA GLY A 60 0.46 14.46 -4.02
C GLY A 60 0.24 14.82 -2.56
N GLY A 61 -0.99 15.20 -2.23
CA GLY A 61 -1.33 15.39 -0.83
C GLY A 61 -1.84 14.15 -0.11
N LEU A 62 -1.92 14.25 1.21
CA LEU A 62 -2.49 13.20 2.05
C LEU A 62 -3.94 13.54 2.42
N VAL A 63 -4.82 12.54 2.33
CA VAL A 63 -6.19 12.70 2.77
C VAL A 63 -6.23 12.68 4.30
N SER A 64 -7.21 13.37 4.89
CA SER A 64 -7.22 13.60 6.33
C SER A 64 -7.31 12.34 7.22
N ASP A 65 -6.63 12.40 8.35
CA ASP A 65 -6.57 11.26 9.24
C ASP A 65 -7.98 10.78 9.62
N ASP A 66 -8.87 11.71 9.92
CA ASP A 66 -10.21 11.34 10.42
C ASP A 66 -10.89 10.47 9.40
N ILE A 67 -10.81 10.88 8.15
CA ILE A 67 -11.45 10.10 7.10
C ILE A 67 -10.85 8.71 7.03
N MET A 68 -9.53 8.66 7.07
CA MET A 68 -8.80 7.44 6.80
C MET A 68 -8.95 6.47 7.97
N VAL A 69 -8.89 6.98 9.18
CA VAL A 69 -9.17 6.16 10.36
C VAL A 69 -10.60 5.58 10.36
N ASN A 70 -11.60 6.39 10.02
CA ASN A 70 -12.96 5.89 9.96
C ASN A 70 -13.15 4.80 8.92
N MET A 71 -12.51 4.98 7.77
CA MET A 71 -12.56 4.01 6.68
C MET A 71 -12.02 2.65 7.14
N ILE A 72 -10.90 2.68 7.84
CA ILE A 72 -10.25 1.47 8.29
C ILE A 72 -11.00 0.82 9.46
N LYS A 73 -11.50 1.64 10.36
CA LYS A 73 -12.29 1.16 11.48
C LYS A 73 -13.52 0.40 11.03
N ASP A 74 -14.18 0.92 10.01
CA ASP A 74 -15.35 0.25 9.50
C ASP A 74 -14.99 -1.06 8.83
N GLU A 75 -13.85 -1.10 8.18
CA GLU A 75 -13.47 -2.30 7.45
C GLU A 75 -13.01 -3.39 8.40
N LEU A 76 -12.25 -3.02 9.42
CA LEU A 76 -11.86 -3.96 10.48
C LEU A 76 -13.08 -4.57 11.17
N THR A 77 -14.05 -3.69 11.44
CA THR A 77 -15.33 -4.03 12.04
C THR A 77 -16.32 -4.81 11.16
N ASN A 78 -16.76 -4.23 10.04
CA ASN A 78 -17.81 -4.88 9.23
C ASN A 78 -17.34 -5.90 8.21
N ASN A 79 -16.06 -5.91 7.87
CA ASN A 79 -15.59 -6.80 6.81
C ASN A 79 -15.12 -8.15 7.34
N PRO A 80 -15.89 -9.21 7.04
CA PRO A 80 -15.69 -10.55 7.61
C PRO A 80 -14.36 -11.15 7.21
N ALA A 81 -13.88 -10.77 6.03
CA ALA A 81 -12.63 -11.33 5.54
C ALA A 81 -11.48 -10.92 6.45
N CYS A 82 -11.71 -9.91 7.30
CA CYS A 82 -10.66 -9.43 8.19
C CYS A 82 -10.56 -10.21 9.50
N LYS A 83 -11.30 -11.32 9.56
CA LYS A 83 -11.19 -12.24 10.69
C LYS A 83 -9.93 -13.12 10.63
N ASN A 84 -9.60 -13.66 9.44
CA ASN A 84 -8.40 -14.49 9.25
C ASN A 84 -7.10 -13.73 9.46
N GLY A 85 -7.18 -12.40 9.42
CA GLY A 85 -5.99 -11.57 9.47
C GLY A 85 -6.04 -10.52 8.38
N PHE A 86 -5.11 -9.59 8.37
CA PHE A 86 -5.15 -8.51 7.41
C PHE A 86 -3.77 -7.96 7.06
N ILE A 87 -3.71 -7.40 5.84
CA ILE A 87 -2.53 -6.69 5.32
C ILE A 87 -2.91 -5.24 5.09
N LEU A 88 -2.52 -4.34 6.00
CA LEU A 88 -2.73 -2.92 5.79
C LEU A 88 -1.67 -2.40 4.83
N ASP A 89 -2.14 -1.89 3.70
CA ASP A 89 -1.26 -1.37 2.66
C ASP A 89 -1.53 0.13 2.45
N GLY A 90 -0.69 0.98 3.01
CA GLY A 90 -0.87 2.41 2.82
C GLY A 90 -1.47 3.07 4.04
N PHE A 91 -1.76 2.25 5.04
CA PHE A 91 -2.24 2.72 6.32
C PHE A 91 -1.52 1.88 7.38
N PRO A 92 -0.98 2.51 8.43
CA PRO A 92 -1.03 3.96 8.67
C PRO A 92 -0.05 4.73 7.79
N ARG A 93 -0.27 6.04 7.68
CA ARG A 93 0.53 6.87 6.78
C ARG A 93 1.02 8.11 7.51
N THR A 94 0.58 8.27 8.75
CA THR A 94 1.00 9.39 9.55
C THR A 94 0.98 8.90 10.97
N ILE A 95 1.65 9.61 11.86
CA ILE A 95 1.75 9.15 13.24
C ILE A 95 0.37 9.03 13.93
N PRO A 96 -0.50 10.04 13.75
CA PRO A 96 -1.84 9.96 14.33
C PRO A 96 -2.61 8.72 13.87
N GLN A 97 -2.51 8.37 12.59
CA GLN A 97 -3.17 7.17 12.14
C GLN A 97 -2.55 5.96 12.80
N ALA A 98 -1.24 6.02 13.03
CA ALA A 98 -0.51 4.91 13.64
C ALA A 98 -0.97 4.70 15.08
N GLU A 99 -1.02 5.81 15.83
CA GLU A 99 -1.50 5.81 17.21
C GLU A 99 -2.95 5.35 17.36
N LYS A 100 -3.85 5.91 16.54
CA LYS A 100 -5.23 5.47 16.52
C LYS A 100 -5.37 4.00 16.14
N LEU A 101 -4.56 3.52 15.21
CA LEU A 101 -4.63 2.11 14.81
C LEU A 101 -4.25 1.23 16.00
N ASP A 102 -3.14 1.57 16.63
CA ASP A 102 -2.70 0.93 17.87
C ASP A 102 -3.86 0.83 18.88
N GLN A 103 -4.56 1.93 19.08
CA GLN A 103 -5.68 1.97 19.99
C GLN A 103 -6.76 1.01 19.55
N MET A 104 -7.15 1.10 18.30
CA MET A 104 -8.20 0.25 17.77
C MET A 104 -7.89 -1.23 18.00
N LEU A 105 -6.66 -1.63 17.75
CA LEU A 105 -6.35 -3.05 17.74
C LEU A 105 -6.22 -3.59 19.18
N LYS A 106 -5.85 -2.71 20.11
CA LYS A 106 -5.83 -3.03 21.54
C LYS A 106 -7.24 -3.39 22.01
N GLU A 107 -8.23 -2.64 21.53
CA GLU A 107 -9.59 -2.75 22.00
C GLU A 107 -10.22 -4.00 21.43
N GLN A 108 -9.84 -4.30 20.20
CA GLN A 108 -10.32 -5.48 19.52
C GLN A 108 -9.55 -6.70 20.00
N GLY A 109 -8.42 -6.47 20.66
CA GLY A 109 -7.59 -7.57 21.13
C GLY A 109 -6.91 -8.33 20.00
N THR A 110 -6.61 -7.64 18.91
CA THR A 110 -5.84 -8.24 17.81
C THR A 110 -4.67 -7.35 17.37
N PRO A 111 -3.52 -7.47 18.05
CA PRO A 111 -2.39 -6.55 17.84
C PRO A 111 -1.63 -6.93 16.57
N LEU A 112 -0.92 -5.95 16.01
CA LEU A 112 -0.12 -6.20 14.81
C LEU A 112 1.05 -7.13 15.11
N GLU A 113 1.33 -8.03 14.18
CA GLU A 113 2.44 -8.95 14.31
C GLU A 113 3.69 -8.39 13.65
N LYS A 114 3.50 -7.78 12.48
CA LYS A 114 4.62 -7.34 11.68
C LYS A 114 4.35 -5.97 11.03
N ALA A 115 5.38 -5.12 11.01
CA ALA A 115 5.41 -3.93 10.15
C ALA A 115 6.63 -4.00 9.21
N ILE A 116 6.41 -4.41 7.97
CA ILE A 116 7.50 -4.48 7.00
C ILE A 116 7.77 -3.18 6.24
N GLU A 117 8.97 -2.63 6.41
CA GLU A 117 9.40 -1.51 5.62
C GLU A 117 10.09 -1.97 4.33
N LEU A 118 9.57 -1.51 3.20
CA LEU A 118 10.21 -1.72 1.92
C LEU A 118 11.18 -0.55 1.67
N LYS A 119 12.48 -0.82 1.83
CA LYS A 119 13.50 0.21 1.68
C LYS A 119 14.06 0.26 0.24
N VAL A 120 14.04 1.45 -0.33
CA VAL A 120 14.45 1.63 -1.71
C VAL A 120 14.68 3.14 -1.89
N ASP A 121 15.79 3.49 -2.52
CA ASP A 121 16.21 4.89 -2.68
C ASP A 121 15.29 5.64 -3.65
N ASP A 122 15.12 6.93 -3.42
CA ASP A 122 14.19 7.75 -4.22
C ASP A 122 14.47 7.76 -5.72
N GLU A 123 15.76 7.76 -6.11
CA GLU A 123 16.16 7.80 -7.52
C GLU A 123 15.50 6.70 -8.33
N LEU A 124 15.43 5.52 -7.74
CA LEU A 124 14.85 4.37 -8.41
C LEU A 124 13.35 4.53 -8.54
N LEU A 125 12.76 5.25 -7.58
CA LEU A 125 11.30 5.28 -7.48
C LEU A 125 10.68 6.06 -8.64
N VAL A 126 11.42 7.03 -9.14
CA VAL A 126 10.95 7.85 -10.24
C VAL A 126 10.75 7.05 -11.51
N ALA A 127 11.71 6.20 -11.85
CA ALA A 127 11.56 5.35 -13.03
C ALA A 127 10.40 4.39 -12.89
N ARG A 128 10.17 3.93 -11.66
CA ARG A 128 9.09 2.98 -11.39
C ARG A 128 7.69 3.58 -11.58
N ILE A 129 7.51 4.81 -11.08
CA ILE A 129 6.23 5.54 -11.17
C ILE A 129 5.95 6.05 -12.59
N THR A 130 7.01 6.47 -13.26
CA THR A 130 6.97 6.94 -14.65
C THR A 130 6.57 5.85 -15.63
N GLY A 131 7.01 4.61 -15.40
CA GLY A 131 6.63 3.52 -16.30
C GLY A 131 5.43 2.66 -15.90
N ARG A 132 4.79 2.96 -14.77
CA ARG A 132 3.69 2.12 -14.30
C ARG A 132 2.38 2.21 -15.12
N LEU A 133 1.78 1.05 -15.41
CA LEU A 133 0.44 0.96 -15.95
C LEU A 133 -0.37 0.05 -15.02
N ILE A 134 -1.58 0.47 -14.63
CA ILE A 134 -2.42 -0.37 -13.80
C ILE A 134 -3.65 -0.81 -14.56
N HIS A 135 -4.18 -1.98 -14.20
CA HIS A 135 -5.51 -2.35 -14.63
C HIS A 135 -6.50 -1.76 -13.63
N PRO A 136 -7.29 -0.78 -14.06
CA PRO A 136 -7.92 0.10 -13.07
C PRO A 136 -9.03 -0.63 -12.30
N ALA A 137 -9.53 -1.69 -12.91
CA ALA A 137 -10.60 -2.50 -12.32
C ALA A 137 -10.05 -3.61 -11.42
N SER A 138 -8.90 -3.38 -10.82
CA SER A 138 -8.32 -4.32 -9.86
C SER A 138 -7.20 -3.63 -9.08
N GLY A 139 -6.24 -3.07 -9.81
CA GLY A 139 -5.09 -2.44 -9.17
C GLY A 139 -3.81 -3.12 -9.61
N ARG A 140 -3.95 -4.13 -10.44
CA ARG A 140 -2.81 -4.82 -11.07
C ARG A 140 -1.84 -3.82 -11.70
N SER A 141 -0.62 -3.76 -11.19
CA SER A 141 0.37 -2.86 -11.76
C SER A 141 1.36 -3.59 -12.66
N TYR A 142 1.69 -2.95 -13.77
CA TYR A 142 2.68 -3.43 -14.70
C TYR A 142 3.73 -2.32 -14.82
N HIS A 143 4.87 -2.62 -15.43
CA HIS A 143 5.81 -1.55 -15.72
C HIS A 143 6.32 -1.74 -17.12
N LYS A 144 6.41 -0.65 -17.86
CA LYS A 144 6.71 -0.74 -19.29
C LYS A 144 8.06 -1.41 -19.52
N ILE A 145 9.06 -0.99 -18.75
CA ILE A 145 10.38 -1.59 -18.83
C ILE A 145 10.47 -2.84 -17.94
N PHE A 146 10.21 -2.64 -16.65
CA PHE A 146 10.63 -3.57 -15.60
C PHE A 146 9.74 -4.78 -15.39
N ASN A 147 8.60 -4.81 -16.07
CA ASN A 147 7.56 -5.77 -15.72
C ASN A 147 6.40 -5.65 -16.70
N PRO A 148 6.68 -5.92 -17.99
CA PRO A 148 5.82 -5.55 -19.12
C PRO A 148 4.58 -6.44 -19.24
N PRO A 149 3.45 -5.86 -19.65
CA PRO A 149 2.41 -6.71 -20.21
C PRO A 149 2.89 -7.35 -21.50
N LYS A 150 2.49 -8.59 -21.74
CA LYS A 150 2.78 -9.23 -23.03
C LYS A 150 1.92 -8.61 -24.12
N GLU A 151 0.62 -8.52 -23.88
CA GLU A 151 -0.24 -7.66 -24.69
C GLU A 151 -0.08 -6.24 -24.16
N ASP A 152 0.57 -5.40 -24.95
CA ASP A 152 0.93 -4.09 -24.46
C ASP A 152 -0.29 -3.24 -24.17
N MET A 153 -0.30 -2.64 -22.99
CA MET A 153 -1.43 -1.85 -22.53
C MET A 153 -2.65 -2.73 -22.34
N LYS A 154 -2.45 -4.02 -22.18
CA LYS A 154 -3.57 -4.89 -21.89
C LYS A 154 -3.34 -5.80 -20.70
N ASP A 155 -4.29 -5.79 -19.78
CA ASP A 155 -4.22 -6.58 -18.58
C ASP A 155 -4.17 -8.03 -18.97
N ASP A 156 -2.96 -8.52 -19.22
CA ASP A 156 -2.71 -9.85 -19.81
C ASP A 156 -3.68 -10.97 -19.41
N VAL A 157 -3.77 -11.26 -18.12
CA VAL A 157 -4.59 -12.38 -17.66
C VAL A 157 -6.07 -12.19 -17.95
N THR A 158 -6.53 -10.95 -18.02
CA THR A 158 -7.95 -10.64 -18.22
C THR A 158 -8.27 -9.62 -19.31
N GLY A 159 -7.37 -9.49 -20.28
CA GLY A 159 -7.71 -8.80 -21.52
C GLY A 159 -7.96 -7.31 -21.41
N GLU A 160 -8.49 -6.85 -20.28
CA GLU A 160 -8.92 -5.45 -20.14
C GLU A 160 -7.79 -4.43 -20.31
N ALA A 161 -8.17 -3.18 -20.55
CA ALA A 161 -7.23 -2.10 -20.87
C ALA A 161 -6.47 -1.56 -19.65
N LEU A 162 -5.20 -1.25 -19.85
CA LEU A 162 -4.37 -0.67 -18.80
C LEU A 162 -4.33 0.86 -18.91
N VAL A 163 -4.20 1.53 -17.77
CA VAL A 163 -4.22 2.99 -17.72
C VAL A 163 -3.08 3.51 -16.87
N GLN A 164 -2.79 4.79 -16.96
CA GLN A 164 -1.91 5.43 -16.01
C GLN A 164 -2.74 5.99 -14.87
N ARG A 165 -2.19 5.96 -13.67
CA ARG A 165 -2.78 6.64 -12.53
C ARG A 165 -2.61 8.15 -12.66
N SER A 166 -3.61 8.88 -12.20
CA SER A 166 -3.63 10.31 -12.40
C SER A 166 -2.65 11.00 -11.46
N ASP A 167 -2.30 10.34 -10.36
CA ASP A 167 -1.35 10.93 -9.43
C ASP A 167 0.08 10.51 -9.72
N ASP A 168 0.27 9.76 -10.81
CA ASP A 168 1.60 9.34 -11.22
C ASP A 168 2.21 10.33 -12.18
N ASN A 169 2.06 11.61 -11.88
CA ASN A 169 2.77 12.66 -12.60
C ASN A 169 3.94 13.14 -11.74
N ALA A 170 5.08 13.39 -12.38
CA ALA A 170 6.34 13.63 -11.67
C ALA A 170 6.26 14.89 -10.81
N ASP A 171 5.22 15.68 -11.04
CA ASP A 171 4.90 16.81 -10.17
C ASP A 171 4.26 16.30 -8.85
N ALA A 172 3.21 15.50 -8.98
CA ALA A 172 2.59 14.81 -7.86
C ALA A 172 3.62 13.92 -7.18
N LEU A 173 4.49 13.31 -7.99
CA LEU A 173 5.44 12.34 -7.48
C LEU A 173 6.44 12.97 -6.54
N LYS A 174 6.90 14.18 -6.86
CA LYS A 174 7.77 14.91 -5.95
C LYS A 174 7.08 15.23 -4.63
N LYS A 175 5.78 15.55 -4.70
CA LYS A 175 5.04 15.92 -3.51
C LYS A 175 4.74 14.68 -2.71
N ARG A 176 4.48 13.59 -3.41
CA ARG A 176 4.31 12.31 -2.76
C ARG A 176 5.52 11.86 -1.94
N LEU A 177 6.73 12.03 -2.45
CA LEU A 177 7.95 11.56 -1.78
C LEU A 177 8.29 12.43 -0.60
N ALA A 178 8.18 13.74 -0.77
CA ALA A 178 8.46 14.66 0.34
C ALA A 178 7.52 14.37 1.52
N ALA A 179 6.26 14.08 1.21
CA ALA A 179 5.27 13.75 2.23
C ALA A 179 5.64 12.43 2.91
N TYR A 180 6.12 11.47 2.13
CA TYR A 180 6.54 10.22 2.70
C TYR A 180 7.63 10.45 3.72
N HIS A 181 8.64 11.20 3.33
CA HIS A 181 9.74 11.45 4.25
C HIS A 181 9.29 12.28 5.44
N ALA A 182 8.45 13.27 5.19
CA ALA A 182 8.04 14.17 6.27
C ALA A 182 7.05 13.50 7.21
N GLN A 183 6.10 12.76 6.66
CA GLN A 183 4.97 12.30 7.46
C GLN A 183 4.95 10.81 7.73
N THR A 184 5.30 10.01 6.74
CA THR A 184 5.16 8.57 6.90
C THR A 184 6.38 7.90 7.53
N GLU A 185 7.56 8.33 7.10
CA GLU A 185 8.79 7.66 7.53
C GLU A 185 8.96 7.59 9.06
N PRO A 186 8.49 8.63 9.79
CA PRO A 186 8.54 8.59 11.26
C PRO A 186 7.82 7.40 11.90
N ILE A 187 6.85 6.85 11.21
CA ILE A 187 6.10 5.69 11.69
C ILE A 187 6.98 4.45 11.91
N VAL A 188 8.04 4.35 11.11
CA VAL A 188 8.99 3.25 11.19
C VAL A 188 9.65 3.18 12.57
N ASP A 189 9.96 4.33 13.16
CA ASP A 189 10.56 4.33 14.48
C ASP A 189 9.57 3.86 15.53
N PHE A 190 8.32 4.24 15.34
CA PHE A 190 7.21 3.80 16.19
C PHE A 190 7.18 2.28 16.32
N TYR A 191 7.29 1.57 15.20
CA TYR A 191 7.29 0.12 15.23
C TYR A 191 8.63 -0.50 15.61
N LYS A 192 9.72 0.24 15.40
CA LYS A 192 11.01 -0.23 15.87
C LYS A 192 10.96 -0.31 17.40
N LYS A 193 10.33 0.71 18.00
CA LYS A 193 10.27 0.81 19.44
C LYS A 193 9.33 -0.21 20.09
N THR A 194 8.48 -0.86 19.30
CA THR A 194 7.64 -1.94 19.81
C THR A 194 8.10 -3.30 19.32
N GLY A 195 9.17 -3.29 18.52
CA GLY A 195 9.77 -4.53 18.08
C GLY A 195 9.04 -5.37 17.05
N ILE A 196 8.24 -4.77 16.17
CA ILE A 196 7.61 -5.56 15.09
C ILE A 196 8.07 -5.15 13.69
N TRP A 197 9.00 -4.22 13.65
CA TRP A 197 9.59 -3.78 12.38
C TRP A 197 10.59 -4.78 11.77
N ALA A 198 10.59 -4.87 10.45
CA ALA A 198 11.62 -5.60 9.71
C ALA A 198 11.78 -4.85 8.41
N GLY A 199 13.03 -4.64 8.00
CA GLY A 199 13.29 -3.94 6.76
C GLY A 199 13.46 -4.91 5.61
N VAL A 200 12.95 -4.58 4.43
CA VAL A 200 13.18 -5.41 3.25
C VAL A 200 13.83 -4.57 2.14
N ASP A 201 14.71 -5.19 1.36
CA ASP A 201 15.39 -4.47 0.27
C ASP A 201 14.54 -4.48 -1.00
N ALA A 202 13.80 -3.40 -1.22
CA ALA A 202 12.80 -3.35 -2.29
C ALA A 202 13.39 -2.82 -3.60
N SER A 203 14.70 -2.62 -3.63
CA SER A 203 15.39 -2.27 -4.87
C SER A 203 15.68 -3.50 -5.70
N GLN A 204 15.57 -4.67 -5.10
CA GLN A 204 15.80 -5.91 -5.84
C GLN A 204 14.64 -6.18 -6.77
N PRO A 205 14.77 -7.21 -7.61
CA PRO A 205 13.59 -7.60 -8.41
C PRO A 205 12.49 -8.26 -7.59
N PRO A 206 11.32 -8.45 -8.20
CA PRO A 206 10.10 -8.82 -7.48
C PRO A 206 10.21 -10.14 -6.70
N ALA A 207 10.65 -11.19 -7.36
CA ALA A 207 10.79 -12.51 -6.74
C ALA A 207 11.85 -12.52 -5.65
N THR A 208 12.87 -11.70 -5.83
CA THR A 208 13.95 -11.62 -4.87
C THR A 208 13.45 -10.83 -3.66
N VAL A 209 12.61 -9.84 -3.89
CA VAL A 209 11.98 -9.10 -2.78
C VAL A 209 11.02 -9.98 -1.97
N TRP A 210 10.31 -10.87 -2.64
CA TRP A 210 9.31 -11.71 -2.01
C TRP A 210 9.98 -12.76 -1.12
N ALA A 211 11.07 -13.34 -1.63
CA ALA A 211 11.88 -14.29 -0.87
C ALA A 211 12.41 -13.68 0.41
N ASP A 212 12.86 -12.43 0.28
CA ASP A 212 13.33 -11.62 1.40
C ASP A 212 12.17 -11.41 2.36
N PHE A 213 10.97 -11.22 1.80
CA PHE A 213 9.77 -11.04 2.59
C PHE A 213 9.50 -12.23 3.49
N LEU A 214 9.35 -13.40 2.86
CA LEU A 214 9.08 -14.64 3.57
C LEU A 214 10.10 -14.79 4.69
N ASN A 215 11.35 -14.70 4.30
CA ASN A 215 12.45 -14.77 5.24
C ASN A 215 12.14 -13.86 6.43
N LYS A 216 11.71 -12.64 6.15
CA LYS A 216 11.50 -11.63 7.19
C LYS A 216 10.26 -11.89 8.04
N LEU A 217 9.29 -12.61 7.51
CA LEU A 217 8.08 -12.93 8.26
C LEU A 217 8.35 -14.08 9.23
N GLY A 218 9.40 -14.86 8.95
CA GLY A 218 9.74 -15.99 9.77
C GLY A 218 8.79 -17.16 9.56
N LYS A 219 8.36 -17.37 8.32
CA LYS A 219 7.43 -18.44 7.96
C LYS A 219 7.99 -19.25 6.79
N ASN A 220 8.66 -18.55 5.88
CA ASN A 220 9.33 -19.18 4.76
C ASN A 220 10.71 -18.54 4.60
#